data_7OV3
#
_entry.id   7OV3
#
_cell.length_a   64.085
_cell.length_b   71.325
_cell.length_c   77.553
_cell.angle_alpha   90.000
_cell.angle_beta   90.000
_cell.angle_gamma   90.000
#
_symmetry.space_group_name_H-M   'P 21 21 21'
#
loop_
_entity.id
_entity.type
_entity.pdbx_description
1 polymer 'Tartrate-resistant acid phosphatase type 5'
2 branched 2-acetamido-2-deoxy-beta-D-glucopyranose-(1-4)-2-acetamido-2-deoxy-beta-D-glucopyranose
3 non-polymer 'DIMETHYL SULFOXIDE'
4 non-polymer 'TRIETHYLENE GLYCOL'
5 non-polymer N-methyl-1-(1-methyl-1H-indazol-3-yl)methanamine
6 non-polymer 2-acetamido-2-deoxy-beta-D-glucopyranose
7 non-polymer 'PHOSPHATE ION'
8 non-polymer 'CITRIC ACID'
9 non-polymer GLYCEROL
10 non-polymer 'FE (III) ION'
11 non-polymer 1,2-ETHANEDIOL
12 non-polymer 'SODIUM ION'
13 non-polymer 'CHLORIDE ION'
14 water water
#
_entity_poly.entity_id   1
_entity_poly.type   'polypeptide(L)'
_entity_poly.pdbx_seq_one_letter_code
;TAPTPILRFVAVGDWGGVPNAPFHTAREMANAKAIATTVKTLGADFILSLGDNFYFTGVHDAKDKRFQETFEDVFSDPSL
RNVPWHVLAGNHDHLGNVSAQIAYSKISKRWNFPSPYYRLRFKIPRSNVSVAIFMLDTVTLCGNSDDFVSQQPERPRNLA
LARTQLAWIKKQLAAAKEDYVLVAGHYPVWSIAEHGPTHCLVKQLLPLLTTHKVTAYLCGHDHNLQYLQDENGLGFVLSG
AGNFMDPSKKHLRKVPNGYLRFHFGAENSLGGFAYVEITPKEMSVTYIEASGKSLFKTKLPRRARSEHQHRRA
;
_entity_poly.pdbx_strand_id   A
#
# COMPACT_ATOMS: atom_id res chain seq x y z
N PRO A 3 29.00 -4.03 -7.06
CA PRO A 3 27.90 -3.08 -6.85
C PRO A 3 27.46 -3.00 -5.39
N THR A 4 26.38 -2.25 -5.12
CA THR A 4 25.80 -2.18 -3.78
C THR A 4 24.59 -3.10 -3.72
N PRO A 5 24.51 -4.01 -2.74
CA PRO A 5 23.32 -4.86 -2.61
C PRO A 5 22.07 -3.99 -2.45
N ILE A 6 21.02 -4.38 -3.17
CA ILE A 6 19.80 -3.58 -3.18
C ILE A 6 18.58 -4.49 -3.30
N LEU A 7 17.53 -4.14 -2.61
CA LEU A 7 16.21 -4.71 -2.81
C LEU A 7 15.32 -3.59 -3.35
N ARG A 8 14.59 -3.85 -4.44
CA ARG A 8 13.79 -2.82 -5.08
CA ARG A 8 13.80 -2.82 -5.09
C ARG A 8 12.35 -3.30 -5.24
N PHE A 9 11.41 -2.40 -4.98
CA PHE A 9 10.00 -2.74 -5.21
C PHE A 9 9.18 -1.50 -5.45
N VAL A 10 8.06 -1.71 -6.14
CA VAL A 10 7.05 -0.70 -6.42
C VAL A 10 5.91 -0.88 -5.42
N ALA A 11 5.42 0.23 -4.86
CA ALA A 11 4.25 0.24 -4.00
C ALA A 11 3.17 1.05 -4.69
N VAL A 12 2.08 0.41 -5.09
CA VAL A 12 0.98 1.06 -5.78
C VAL A 12 -0.32 0.76 -5.04
N GLY A 13 -1.18 1.77 -4.94
CA GLY A 13 -2.44 1.61 -4.24
C GLY A 13 -3.60 2.07 -5.08
N ASP A 14 -4.77 1.49 -4.81
CA ASP A 14 -6.03 2.03 -5.30
C ASP A 14 -6.10 2.06 -6.82
N TRP A 15 -5.60 1.00 -7.46
CA TRP A 15 -5.45 0.88 -8.90
C TRP A 15 -6.59 0.14 -9.58
N GLY A 16 -7.63 -0.22 -8.83
CA GLY A 16 -8.62 -1.23 -9.20
C GLY A 16 -9.63 -0.94 -10.30
N GLY A 17 -9.31 -0.02 -11.22
CA GLY A 17 -10.10 0.11 -12.44
C GLY A 17 -11.55 0.47 -12.15
N VAL A 18 -12.46 -0.10 -12.93
CA VAL A 18 -13.89 0.17 -12.81
C VAL A 18 -14.66 -1.11 -13.14
N PRO A 19 -15.90 -1.26 -12.66
CA PRO A 19 -16.67 -2.49 -12.99
C PRO A 19 -17.34 -2.46 -14.36
N ASN A 20 -17.45 -1.30 -14.98
CA ASN A 20 -18.01 -1.23 -16.31
C ASN A 20 -16.89 -1.23 -17.34
N ALA A 21 -17.25 -1.65 -18.55
CA ALA A 21 -16.29 -1.70 -19.65
C ALA A 21 -15.64 -0.33 -19.82
N PRO A 22 -14.34 -0.26 -20.16
CA PRO A 22 -13.45 -1.39 -20.45
C PRO A 22 -12.73 -1.98 -19.20
N PHE A 23 -13.28 -1.72 -18.01
CA PHE A 23 -12.83 -2.29 -16.74
C PHE A 23 -11.49 -1.73 -16.27
N HIS A 24 -11.07 -0.62 -16.86
CA HIS A 24 -9.93 0.14 -16.37
C HIS A 24 -10.19 1.59 -16.69
N THR A 25 -9.38 2.48 -16.11
CA THR A 25 -9.42 3.91 -16.38
C THR A 25 -8.18 4.30 -17.16
N ALA A 26 -8.20 5.51 -17.72
CA ALA A 26 -6.98 6.04 -18.32
C ALA A 26 -5.86 6.13 -17.28
N ARG A 27 -6.20 6.49 -16.04
CA ARG A 27 -5.17 6.57 -15.00
C ARG A 27 -4.54 5.21 -14.75
N GLU A 28 -5.37 4.15 -14.64
CA GLU A 28 -4.79 2.85 -14.32
C GLU A 28 -3.84 2.40 -15.41
N MET A 29 -4.19 2.65 -16.67
CA MET A 29 -3.34 2.23 -17.80
C MET A 29 -2.04 3.03 -17.82
N ALA A 30 -2.11 4.32 -17.51
CA ALA A 30 -0.89 5.14 -17.48
C ALA A 30 0.07 4.65 -16.40
N ASN A 31 -0.48 4.24 -15.26
CA ASN A 31 0.38 3.72 -14.20
C ASN A 31 0.92 2.34 -14.53
N ALA A 32 0.10 1.49 -15.17
CA ALA A 32 0.63 0.22 -15.66
C ALA A 32 1.78 0.45 -16.66
N LYS A 33 1.62 1.41 -17.58
CA LYS A 33 2.70 1.71 -18.52
C LYS A 33 3.91 2.28 -17.79
N ALA A 34 3.69 3.18 -16.83
CA ALA A 34 4.80 3.85 -16.15
C ALA A 34 5.50 2.92 -15.19
N ILE A 35 4.76 2.03 -14.53
CA ILE A 35 5.41 1.01 -13.70
C ILE A 35 6.26 0.09 -14.57
N ALA A 36 5.77 -0.23 -15.77
CA ALA A 36 6.55 -1.11 -16.65
C ALA A 36 7.86 -0.44 -17.07
N THR A 37 7.82 0.86 -17.36
CA THR A 37 9.03 1.60 -17.72
C THR A 37 10.05 1.62 -16.57
N THR A 38 9.59 1.86 -15.34
CA THR A 38 10.48 1.85 -14.19
C THR A 38 11.10 0.47 -13.99
N VAL A 39 10.29 -0.59 -14.10
CA VAL A 39 10.82 -1.94 -13.91
C VAL A 39 11.83 -2.26 -15.01
N LYS A 40 11.50 -1.92 -16.24
CA LYS A 40 12.41 -2.14 -17.36
C LYS A 40 13.75 -1.43 -17.15
N THR A 41 13.72 -0.15 -16.75
CA THR A 41 14.95 0.62 -16.67
C THR A 41 15.69 0.41 -15.35
N LEU A 42 14.98 0.25 -14.23
CA LEU A 42 15.62 0.19 -12.92
C LEU A 42 15.43 -1.13 -12.19
N GLY A 43 14.45 -1.93 -12.55
CA GLY A 43 14.34 -3.22 -11.90
C GLY A 43 13.41 -3.20 -10.70
N ALA A 44 12.67 -4.29 -10.55
CA ALA A 44 11.86 -4.50 -9.36
C ALA A 44 11.87 -5.97 -8.98
N ASP A 45 12.16 -6.24 -7.72
CA ASP A 45 12.04 -7.61 -7.21
C ASP A 45 10.59 -8.02 -6.97
N PHE A 46 9.71 -7.07 -6.67
CA PHE A 46 8.28 -7.38 -6.49
C PHE A 46 7.50 -6.09 -6.54
N ILE A 47 6.18 -6.23 -6.50
CA ILE A 47 5.27 -5.10 -6.48
C ILE A 47 4.36 -5.28 -5.26
N LEU A 48 4.18 -4.22 -4.49
CA LEU A 48 3.29 -4.21 -3.34
CA LEU A 48 3.28 -4.22 -3.34
C LEU A 48 2.01 -3.49 -3.71
N SER A 49 0.87 -4.15 -3.55
CA SER A 49 -0.43 -3.49 -3.73
C SER A 49 -0.96 -3.07 -2.37
N LEU A 50 -1.27 -1.78 -2.23
CA LEU A 50 -1.79 -1.23 -1.00
C LEU A 50 -3.34 -1.21 -0.97
N GLY A 51 -4.00 -2.01 -1.80
CA GLY A 51 -5.40 -2.29 -1.58
C GLY A 51 -6.33 -1.42 -2.44
N ASP A 52 -7.61 -1.74 -2.34
CA ASP A 52 -8.63 -1.28 -3.28
C ASP A 52 -8.27 -1.77 -4.68
N ASN A 53 -8.25 -3.10 -4.79
CA ASN A 53 -7.73 -3.79 -5.96
C ASN A 53 -8.77 -3.96 -7.06
N PHE A 54 -10.07 -3.91 -6.73
CA PHE A 54 -11.13 -4.02 -7.73
C PHE A 54 -12.27 -3.10 -7.31
N TYR A 55 -12.40 -1.95 -7.99
CA TYR A 55 -13.51 -1.03 -7.74
C TYR A 55 -14.76 -1.49 -8.49
N PHE A 56 -15.95 -1.25 -7.92
CA PHE A 56 -16.16 -0.63 -6.59
C PHE A 56 -16.61 -1.60 -5.49
N THR A 57 -16.87 -2.88 -5.85
CA THR A 57 -17.30 -3.87 -4.87
C THR A 57 -16.47 -5.15 -4.93
N GLY A 58 -15.20 -5.05 -5.31
CA GLY A 58 -14.38 -6.26 -5.30
C GLY A 58 -14.83 -7.28 -6.35
N VAL A 59 -14.59 -8.55 -6.03
CA VAL A 59 -14.88 -9.70 -6.88
C VAL A 59 -15.83 -10.63 -6.12
N HIS A 60 -16.55 -11.47 -6.88
CA HIS A 60 -17.53 -12.40 -6.33
CA HIS A 60 -17.51 -12.37 -6.24
C HIS A 60 -16.94 -13.75 -5.94
N ASP A 61 -15.94 -14.22 -6.70
CA ASP A 61 -15.29 -15.49 -6.40
C ASP A 61 -13.97 -15.51 -7.16
N ALA A 62 -13.18 -16.56 -6.92
CA ALA A 62 -11.85 -16.61 -7.50
C ALA A 62 -11.87 -16.66 -9.02
N LYS A 63 -13.00 -17.00 -9.63
CA LYS A 63 -13.09 -17.05 -11.07
C LYS A 63 -13.64 -15.78 -11.69
N ASP A 64 -13.87 -14.75 -10.87
CA ASP A 64 -14.39 -13.48 -11.38
C ASP A 64 -13.55 -12.98 -12.55
N LYS A 65 -14.23 -12.56 -13.62
CA LYS A 65 -13.57 -12.06 -14.82
C LYS A 65 -12.73 -10.81 -14.52
N ARG A 66 -13.12 -10.03 -13.52
CA ARG A 66 -12.37 -8.80 -13.22
C ARG A 66 -10.89 -9.07 -12.98
N PHE A 67 -10.53 -10.27 -12.50
CA PHE A 67 -9.12 -10.59 -12.26
C PHE A 67 -8.30 -10.44 -13.54
N GLN A 68 -8.87 -10.86 -14.67
CA GLN A 68 -8.19 -10.70 -15.95
CA GLN A 68 -8.20 -10.71 -15.96
C GLN A 68 -8.46 -9.34 -16.57
N GLU A 69 -9.71 -8.86 -16.50
CA GLU A 69 -10.09 -7.60 -17.12
C GLU A 69 -9.36 -6.41 -16.50
N THR A 70 -9.28 -6.35 -15.16
CA THR A 70 -8.79 -5.20 -14.43
C THR A 70 -7.35 -5.36 -13.94
N PHE A 71 -6.87 -6.60 -13.74
CA PHE A 71 -5.50 -6.83 -13.29
C PHE A 71 -4.62 -7.46 -14.37
N GLU A 72 -4.85 -8.73 -14.74
CA GLU A 72 -3.89 -9.44 -15.59
C GLU A 72 -3.66 -8.71 -16.92
N ASP A 73 -4.74 -8.39 -17.64
CA ASP A 73 -4.63 -7.73 -18.94
C ASP A 73 -4.04 -6.33 -18.83
N VAL A 74 -4.29 -5.64 -17.72
CA VAL A 74 -3.80 -4.28 -17.54
C VAL A 74 -2.29 -4.29 -17.38
N PHE A 75 -1.78 -5.00 -16.36
CA PHE A 75 -0.35 -5.04 -16.07
C PHE A 75 0.34 -6.14 -16.88
N SER A 76 0.30 -5.98 -18.20
CA SER A 76 0.69 -7.06 -19.10
C SER A 76 1.86 -6.69 -19.98
N ASP A 77 2.47 -5.52 -19.76
CA ASP A 77 3.58 -5.11 -20.59
C ASP A 77 4.78 -6.02 -20.35
N PRO A 78 5.63 -6.24 -21.37
CA PRO A 78 6.65 -7.31 -21.27
C PRO A 78 7.50 -7.27 -20.00
N SER A 79 8.00 -6.10 -19.60
CA SER A 79 8.89 -6.01 -18.46
C SER A 79 8.22 -6.42 -17.15
N LEU A 80 6.88 -6.40 -17.08
CA LEU A 80 6.17 -6.70 -15.84
C LEU A 80 5.71 -8.14 -15.73
N ARG A 81 5.97 -8.97 -16.74
CA ARG A 81 5.15 -10.16 -16.92
C ARG A 81 5.36 -11.20 -15.82
N ASN A 82 6.56 -11.29 -15.26
CA ASN A 82 6.84 -12.29 -14.24
C ASN A 82 7.19 -11.69 -12.88
N VAL A 83 6.98 -10.38 -12.69
CA VAL A 83 7.28 -9.74 -11.41
C VAL A 83 6.20 -10.11 -10.39
N PRO A 84 6.58 -10.70 -9.26
CA PRO A 84 5.59 -11.10 -8.24
C PRO A 84 4.90 -9.90 -7.61
N TRP A 85 3.61 -10.08 -7.32
CA TRP A 85 2.82 -9.11 -6.57
C TRP A 85 2.52 -9.65 -5.19
N HIS A 86 2.67 -8.80 -4.17
CA HIS A 86 2.22 -9.12 -2.83
C HIS A 86 1.09 -8.17 -2.47
N VAL A 87 -0.08 -8.74 -2.12
CA VAL A 87 -1.34 -8.00 -2.10
C VAL A 87 -1.96 -8.01 -0.70
N LEU A 88 -2.63 -6.90 -0.38
CA LEU A 88 -3.53 -6.79 0.76
C LEU A 88 -4.84 -6.15 0.29
N ALA A 89 -5.83 -6.13 1.18
CA ALA A 89 -7.19 -5.73 0.80
C ALA A 89 -7.52 -4.34 1.32
N GLY A 90 -8.34 -3.62 0.54
CA GLY A 90 -8.95 -2.39 0.97
C GLY A 90 -10.44 -2.54 1.23
N ASN A 91 -11.08 -1.39 1.47
CA ASN A 91 -12.50 -1.39 1.85
C ASN A 91 -13.39 -1.81 0.70
N HIS A 92 -13.09 -1.39 -0.54
CA HIS A 92 -13.94 -1.81 -1.64
C HIS A 92 -13.82 -3.29 -1.90
N ASP A 93 -12.62 -3.86 -1.69
CA ASP A 93 -12.43 -5.29 -1.80
C ASP A 93 -13.31 -6.03 -0.80
N HIS A 94 -13.42 -5.50 0.41
CA HIS A 94 -14.19 -6.15 1.46
C HIS A 94 -15.69 -6.04 1.28
N LEU A 95 -16.18 -5.06 0.50
CA LEU A 95 -17.58 -5.10 0.10
C LEU A 95 -17.88 -6.36 -0.71
N GLY A 96 -16.88 -6.86 -1.43
CA GLY A 96 -16.99 -8.09 -2.20
C GLY A 96 -16.42 -9.27 -1.43
N ASN A 97 -15.80 -10.19 -2.16
CA ASN A 97 -15.32 -11.45 -1.59
C ASN A 97 -13.79 -11.43 -1.48
N VAL A 98 -13.28 -11.22 -0.26
CA VAL A 98 -11.83 -11.15 -0.10
C VAL A 98 -11.22 -12.56 -0.08
N SER A 99 -11.96 -13.55 0.44
CA SER A 99 -11.49 -14.93 0.35
CA SER A 99 -11.49 -14.93 0.35
C SER A 99 -11.19 -15.33 -1.09
N ALA A 100 -11.97 -14.81 -2.05
CA ALA A 100 -11.71 -15.04 -3.46
C ALA A 100 -10.36 -14.50 -3.91
N GLN A 101 -9.98 -13.31 -3.43
CA GLN A 101 -8.68 -12.75 -3.80
C GLN A 101 -7.54 -13.54 -3.18
N ILE A 102 -7.76 -14.12 -2.00
CA ILE A 102 -6.75 -14.99 -1.40
C ILE A 102 -6.64 -16.28 -2.21
N ALA A 103 -7.79 -16.91 -2.54
CA ALA A 103 -7.79 -18.14 -3.33
C ALA A 103 -7.19 -17.94 -4.73
N TYR A 104 -7.32 -16.73 -5.29
CA TYR A 104 -6.76 -16.45 -6.60
C TYR A 104 -5.24 -16.61 -6.63
N SER A 105 -4.58 -16.61 -5.46
CA SER A 105 -3.13 -16.85 -5.42
C SER A 105 -2.75 -18.21 -6.02
N LYS A 106 -3.67 -19.17 -5.98
CA LYS A 106 -3.38 -20.50 -6.51
C LYS A 106 -3.71 -20.63 -7.99
N ILE A 107 -4.34 -19.62 -8.58
CA ILE A 107 -4.61 -19.59 -10.01
C ILE A 107 -3.52 -18.82 -10.77
N SER A 108 -3.14 -17.63 -10.30
CA SER A 108 -2.16 -16.80 -10.98
C SER A 108 -0.83 -16.84 -10.24
N LYS A 109 0.25 -17.17 -10.97
CA LYS A 109 1.56 -17.35 -10.33
C LYS A 109 2.04 -16.07 -9.65
N ARG A 110 1.90 -14.91 -10.32
CA ARG A 110 2.46 -13.69 -9.77
C ARG A 110 1.64 -13.08 -8.64
N TRP A 111 0.37 -13.47 -8.49
CA TRP A 111 -0.48 -12.95 -7.42
C TRP A 111 -0.20 -13.70 -6.13
N ASN A 112 0.20 -12.97 -5.08
CA ASN A 112 0.53 -13.55 -3.77
C ASN A 112 -0.26 -12.83 -2.69
N PHE A 113 -1.16 -13.55 -2.02
CA PHE A 113 -2.13 -13.03 -1.07
C PHE A 113 -2.59 -14.22 -0.24
N PRO A 114 -1.76 -14.70 0.71
CA PRO A 114 -2.05 -15.99 1.35
C PRO A 114 -3.09 -15.93 2.45
N SER A 115 -3.41 -14.75 2.94
CA SER A 115 -4.33 -14.61 4.07
C SER A 115 -4.54 -13.12 4.26
N PRO A 116 -5.52 -12.71 5.07
CA PRO A 116 -5.80 -11.27 5.16
C PRO A 116 -4.62 -10.46 5.66
N TYR A 117 -3.83 -11.03 6.56
CA TYR A 117 -2.63 -10.40 7.06
C TYR A 117 -1.56 -11.47 7.22
N TYR A 118 -0.30 -11.04 7.09
CA TYR A 118 0.80 -11.99 7.00
C TYR A 118 2.12 -11.22 7.02
N ARG A 119 3.20 -11.99 7.10
CA ARG A 119 4.55 -11.45 7.15
C ARG A 119 5.32 -11.82 5.90
N LEU A 120 6.07 -10.87 5.36
CA LEU A 120 7.03 -11.14 4.31
C LEU A 120 8.44 -10.97 4.86
N ARG A 121 9.36 -11.83 4.41
CA ARG A 121 10.77 -11.75 4.77
C ARG A 121 11.63 -11.76 3.52
N PHE A 122 12.64 -10.89 3.50
CA PHE A 122 13.52 -10.75 2.36
C PHE A 122 14.97 -10.61 2.83
N LYS A 123 15.88 -11.15 2.04
CA LYS A 123 17.30 -10.87 2.18
C LYS A 123 17.70 -9.96 1.02
N ILE A 124 18.37 -8.86 1.35
CA ILE A 124 18.96 -8.03 0.30
C ILE A 124 20.02 -8.89 -0.38
N PRO A 125 19.96 -9.07 -1.69
CA PRO A 125 20.85 -10.05 -2.34
C PRO A 125 22.30 -9.61 -2.22
N ARG A 126 23.18 -10.60 -1.99
CA ARG A 126 24.62 -10.39 -1.83
C ARG A 126 24.96 -9.70 -0.51
N SER A 127 24.12 -9.87 0.51
CA SER A 127 24.34 -9.32 1.84
C SER A 127 23.65 -10.22 2.86
N ASN A 128 23.96 -10.01 4.13
CA ASN A 128 23.18 -10.60 5.23
C ASN A 128 22.15 -9.63 5.78
N VAL A 129 21.85 -8.55 5.06
CA VAL A 129 20.87 -7.57 5.53
C VAL A 129 19.48 -8.07 5.18
N SER A 130 18.57 -7.98 6.15
CA SER A 130 17.25 -8.58 6.04
C SER A 130 16.18 -7.51 6.13
N VAL A 131 15.02 -7.80 5.52
CA VAL A 131 13.88 -6.89 5.49
C VAL A 131 12.63 -7.69 5.82
N ALA A 132 11.82 -7.17 6.73
CA ALA A 132 10.51 -7.74 7.02
C ALA A 132 9.44 -6.73 6.62
N ILE A 133 8.41 -7.20 5.93
CA ILE A 133 7.23 -6.38 5.65
C ILE A 133 6.02 -7.10 6.25
N PHE A 134 5.27 -6.39 7.08
CA PHE A 134 4.03 -6.94 7.67
C PHE A 134 2.84 -6.34 6.92
N MET A 135 2.14 -7.20 6.18
CA MET A 135 0.98 -6.80 5.41
C MET A 135 -0.26 -6.98 6.28
N LEU A 136 -0.99 -5.88 6.51
CA LEU A 136 -2.10 -5.82 7.42
C LEU A 136 -3.42 -5.74 6.66
N ASP A 137 -4.49 -6.21 7.30
CA ASP A 137 -5.83 -5.95 6.79
C ASP A 137 -6.43 -4.90 7.71
N THR A 138 -6.38 -3.62 7.29
CA THR A 138 -6.88 -2.57 8.16
C THR A 138 -8.40 -2.54 8.19
N VAL A 139 -9.06 -3.19 7.24
CA VAL A 139 -10.52 -3.24 7.26
C VAL A 139 -11.00 -4.16 8.38
N THR A 140 -10.48 -5.38 8.45
CA THR A 140 -10.94 -6.29 9.50
C THR A 140 -10.50 -5.80 10.87
N LEU A 141 -9.40 -5.02 10.93
CA LEU A 141 -8.96 -4.43 12.20
C LEU A 141 -9.84 -3.28 12.65
N CYS A 142 -10.19 -2.35 11.76
CA CYS A 142 -10.88 -1.10 12.11
C CYS A 142 -12.34 -1.01 11.69
N GLY A 143 -12.80 -1.84 10.78
CA GLY A 143 -14.11 -1.70 10.17
C GLY A 143 -13.99 -1.29 8.71
N ASN A 144 -15.06 -1.59 7.95
CA ASN A 144 -15.14 -1.23 6.54
C ASN A 144 -15.75 0.17 6.40
N SER A 145 -14.96 1.12 5.90
CA SER A 145 -15.47 2.49 5.76
C SER A 145 -16.76 2.53 4.95
N ASP A 146 -16.86 1.73 3.89
CA ASP A 146 -18.07 1.72 3.09
C ASP A 146 -19.30 1.17 3.82
N ASP A 147 -19.15 0.60 5.03
CA ASP A 147 -20.31 0.15 5.81
C ASP A 147 -21.05 1.31 6.45
N PHE A 148 -20.49 2.52 6.39
CA PHE A 148 -20.98 3.66 7.15
C PHE A 148 -21.18 4.84 6.23
N VAL A 149 -22.24 5.62 6.49
CA VAL A 149 -22.53 6.81 5.70
C VAL A 149 -21.39 7.81 5.86
N SER A 150 -20.68 7.78 6.99
CA SER A 150 -19.52 8.63 7.20
CA SER A 150 -19.54 8.65 7.18
C SER A 150 -18.35 8.25 6.30
N GLN A 151 -18.37 7.04 5.74
CA GLN A 151 -17.25 6.53 4.94
C GLN A 151 -15.93 6.59 5.73
N GLN A 152 -16.01 6.43 7.06
CA GLN A 152 -14.94 6.18 8.01
C GLN A 152 -15.10 4.81 8.64
N PRO A 153 -13.99 4.13 9.00
CA PRO A 153 -14.13 2.81 9.67
C PRO A 153 -14.47 2.97 11.14
N GLU A 154 -15.77 2.98 11.43
CA GLU A 154 -16.21 3.38 12.75
C GLU A 154 -15.99 2.28 13.79
N ARG A 155 -16.16 1.01 13.40
CA ARG A 155 -15.91 -0.11 14.30
CA ARG A 155 -15.91 -0.11 14.30
CA ARG A 155 -15.92 -0.11 14.30
C ARG A 155 -15.80 -1.38 13.48
N PRO A 156 -15.05 -2.38 13.97
CA PRO A 156 -14.89 -3.62 13.19
C PRO A 156 -16.15 -4.47 13.16
N ARG A 157 -16.31 -5.20 12.03
CA ARG A 157 -17.42 -6.13 11.90
C ARG A 157 -17.33 -7.25 12.92
N ASN A 158 -16.13 -7.76 13.16
CA ASN A 158 -15.96 -8.85 14.10
C ASN A 158 -14.86 -8.50 15.09
N LEU A 159 -15.21 -8.45 16.38
CA LEU A 159 -14.28 -8.00 17.40
C LEU A 159 -13.16 -9.02 17.63
N ALA A 160 -13.49 -10.32 17.64
CA ALA A 160 -12.43 -11.33 17.79
C ALA A 160 -11.37 -11.20 16.70
N LEU A 161 -11.79 -11.04 15.44
CA LEU A 161 -10.81 -10.99 14.36
C LEU A 161 -9.91 -9.76 14.50
N ALA A 162 -10.48 -8.63 14.94
CA ALA A 162 -9.69 -7.42 15.15
C ALA A 162 -8.68 -7.58 16.28
N ARG A 163 -9.16 -8.02 17.45
CA ARG A 163 -8.27 -8.29 18.58
C ARG A 163 -7.17 -9.28 18.20
N THR A 164 -7.54 -10.31 17.44
CA THR A 164 -6.56 -11.34 17.05
C THR A 164 -5.47 -10.76 16.16
N GLN A 165 -5.84 -9.87 15.22
CA GLN A 165 -4.83 -9.27 14.36
C GLN A 165 -3.93 -8.34 15.14
N LEU A 166 -4.50 -7.50 16.01
CA LEU A 166 -3.67 -6.60 16.79
C LEU A 166 -2.70 -7.38 17.67
N ALA A 167 -3.17 -8.45 18.32
CA ALA A 167 -2.25 -9.27 19.12
C ALA A 167 -1.12 -9.81 18.25
N TRP A 168 -1.44 -10.25 17.03
CA TRP A 168 -0.41 -10.77 16.13
C TRP A 168 0.61 -9.68 15.76
N ILE A 169 0.13 -8.47 15.42
CA ILE A 169 1.06 -7.38 15.11
C ILE A 169 1.97 -7.09 16.29
N LYS A 170 1.38 -7.01 17.49
CA LYS A 170 2.16 -6.71 18.69
CA LYS A 170 2.16 -6.71 18.68
C LYS A 170 3.23 -7.76 18.92
N LYS A 171 2.87 -9.04 18.79
CA LYS A 171 3.83 -10.11 18.99
C LYS A 171 4.92 -10.07 17.92
N GLN A 172 4.53 -9.90 16.65
CA GLN A 172 5.52 -9.97 15.57
C GLN A 172 6.47 -8.80 15.64
N LEU A 173 5.96 -7.60 15.93
CA LEU A 173 6.80 -6.42 15.99
C LEU A 173 7.75 -6.46 17.19
N ALA A 174 7.34 -7.09 18.29
CA ALA A 174 8.26 -7.23 19.41
C ALA A 174 9.36 -8.24 19.10
N ALA A 175 9.06 -9.29 18.36
CA ALA A 175 10.04 -10.33 18.12
C ALA A 175 10.85 -10.12 16.84
N ALA A 176 10.52 -9.13 16.02
CA ALA A 176 11.20 -8.97 14.74
C ALA A 176 12.66 -8.57 14.94
N LYS A 177 13.57 -9.31 14.31
CA LYS A 177 15.00 -9.04 14.39
C LYS A 177 15.55 -8.41 13.12
N GLU A 178 14.73 -8.24 12.08
CA GLU A 178 15.25 -7.84 10.78
C GLU A 178 15.85 -6.44 10.83
N ASP A 179 16.79 -6.19 9.90
CA ASP A 179 17.49 -4.92 9.85
C ASP A 179 16.57 -3.78 9.45
N TYR A 180 15.58 -4.07 8.62
CA TYR A 180 14.52 -3.13 8.26
C TYR A 180 13.17 -3.81 8.52
N VAL A 181 12.22 -3.05 9.08
CA VAL A 181 10.85 -3.51 9.30
C VAL A 181 9.89 -2.49 8.68
N LEU A 182 9.13 -2.93 7.70
CA LEU A 182 8.06 -2.14 7.11
CA LEU A 182 8.06 -2.15 7.10
C LEU A 182 6.71 -2.73 7.51
N VAL A 183 5.72 -1.85 7.63
CA VAL A 183 4.34 -2.28 7.87
C VAL A 183 3.50 -1.62 6.78
N ALA A 184 2.55 -2.37 6.23
CA ALA A 184 1.70 -1.89 5.15
C ALA A 184 0.24 -2.19 5.45
N GLY A 185 -0.64 -1.28 5.07
CA GLY A 185 -2.08 -1.44 5.26
C GLY A 185 -2.80 -0.49 4.33
N HIS A 186 -4.08 -0.77 4.05
CA HIS A 186 -4.80 0.11 3.14
C HIS A 186 -5.00 1.50 3.74
N TYR A 187 -5.53 1.56 4.98
CA TYR A 187 -5.89 2.84 5.61
C TYR A 187 -4.64 3.60 6.08
N PRO A 188 -4.67 4.93 6.03
CA PRO A 188 -3.52 5.70 6.53
C PRO A 188 -3.49 5.80 8.05
N VAL A 189 -2.28 5.95 8.58
CA VAL A 189 -2.13 6.52 9.91
C VAL A 189 -2.30 8.03 9.83
N TRP A 190 -1.40 8.71 9.14
CA TRP A 190 -1.52 10.13 8.85
C TRP A 190 -1.81 10.36 7.37
N SER A 191 -2.68 11.33 7.09
CA SER A 191 -2.90 11.78 5.73
C SER A 191 -3.60 13.13 5.79
N ILE A 192 -3.18 14.05 4.92
CA ILE A 192 -3.81 15.38 4.88
C ILE A 192 -5.04 15.42 3.99
N ALA A 193 -5.36 14.33 3.29
CA ALA A 193 -6.30 14.40 2.17
C ALA A 193 -7.75 14.12 2.55
N GLU A 194 -8.50 13.40 1.69
CA GLU A 194 -9.96 13.42 1.80
C GLU A 194 -10.49 12.57 2.95
N HIS A 195 -9.87 11.41 3.21
CA HIS A 195 -10.17 10.61 4.40
C HIS A 195 -9.40 11.09 5.63
N GLY A 196 -8.12 11.44 5.47
CA GLY A 196 -7.31 11.87 6.58
C GLY A 196 -6.86 10.72 7.47
N PRO A 197 -6.41 11.06 8.68
CA PRO A 197 -5.90 10.02 9.60
C PRO A 197 -6.98 9.02 10.01
N THR A 198 -6.56 7.76 10.19
CA THR A 198 -7.48 6.74 10.68
C THR A 198 -7.30 6.60 12.19
N HIS A 199 -8.30 7.06 12.95
CA HIS A 199 -8.16 7.11 14.40
C HIS A 199 -7.93 5.71 14.99
N CYS A 200 -8.54 4.68 14.40
CA CYS A 200 -8.24 3.31 14.84
C CYS A 200 -6.75 3.01 14.77
N LEU A 201 -6.08 3.40 13.67
CA LEU A 201 -4.65 3.12 13.52
C LEU A 201 -3.77 4.08 14.32
N VAL A 202 -4.13 5.38 14.34
CA VAL A 202 -3.43 6.32 15.22
C VAL A 202 -3.45 5.81 16.67
N LYS A 203 -4.61 5.33 17.13
CA LYS A 203 -4.72 4.90 18.51
C LYS A 203 -4.00 3.58 18.76
N GLN A 204 -4.18 2.57 17.90
CA GLN A 204 -3.76 1.20 18.21
C GLN A 204 -2.48 0.77 17.50
N LEU A 205 -2.20 1.24 16.29
CA LEU A 205 -1.04 0.76 15.55
C LEU A 205 0.17 1.65 15.76
N LEU A 206 -0.02 2.97 15.71
CA LEU A 206 1.11 3.89 15.79
C LEU A 206 1.98 3.72 17.04
N PRO A 207 1.46 3.55 18.25
CA PRO A 207 2.36 3.30 19.39
C PRO A 207 3.24 2.07 19.19
N LEU A 208 2.73 1.03 18.51
CA LEU A 208 3.55 -0.14 18.24
C LEU A 208 4.63 0.15 17.22
N LEU A 209 4.32 0.95 16.18
CA LEU A 209 5.35 1.35 15.21
C LEU A 209 6.49 2.11 15.89
N THR A 210 6.15 2.99 16.84
CA THR A 210 7.15 3.74 17.56
C THR A 210 7.94 2.84 18.51
N THR A 211 7.23 2.06 19.35
CA THR A 211 7.90 1.28 20.38
C THR A 211 8.89 0.28 19.77
N HIS A 212 8.57 -0.27 18.61
CA HIS A 212 9.38 -1.34 18.03
C HIS A 212 10.20 -0.87 16.83
N LYS A 213 10.38 0.44 16.68
CA LYS A 213 11.40 0.97 15.77
C LYS A 213 11.15 0.60 14.31
N VAL A 214 9.88 0.60 13.89
CA VAL A 214 9.56 0.30 12.49
C VAL A 214 10.14 1.39 11.60
N THR A 215 10.63 1.01 10.43
CA THR A 215 11.22 1.99 9.53
C THR A 215 10.17 2.92 8.93
N ALA A 216 9.11 2.35 8.36
CA ALA A 216 8.08 3.10 7.67
C ALA A 216 6.76 2.33 7.68
N TYR A 217 5.65 3.08 7.64
CA TYR A 217 4.31 2.54 7.37
C TYR A 217 3.89 2.96 5.96
N LEU A 218 3.45 2.00 5.15
CA LEU A 218 3.01 2.23 3.78
C LEU A 218 1.50 2.04 3.67
N CYS A 219 0.82 2.94 2.94
CA CYS A 219 -0.62 2.80 2.78
C CYS A 219 -1.07 3.48 1.50
N GLY A 220 -2.35 3.26 1.16
CA GLY A 220 -3.01 4.06 0.15
C GLY A 220 -4.26 4.73 0.71
N HIS A 221 -5.42 4.40 0.13
CA HIS A 221 -6.77 4.77 0.58
C HIS A 221 -7.12 6.23 0.26
N ASP A 222 -6.24 7.19 0.54
CA ASP A 222 -6.40 8.55 0.02
C ASP A 222 -5.76 8.60 -1.36
N HIS A 223 -6.50 9.13 -2.34
CA HIS A 223 -6.14 8.99 -3.76
C HIS A 223 -5.18 10.09 -4.20
N ASN A 224 -3.95 9.99 -3.72
CA ASN A 224 -2.89 10.98 -3.99
C ASN A 224 -1.57 10.39 -3.50
N LEU A 225 -0.51 11.19 -3.54
CA LEU A 225 0.83 10.78 -3.15
C LEU A 225 1.29 11.66 -1.99
N GLN A 226 1.70 11.04 -0.88
CA GLN A 226 2.21 11.81 0.25
C GLN A 226 3.41 11.13 0.88
N TYR A 227 4.37 11.93 1.33
CA TYR A 227 5.37 11.47 2.28
C TYR A 227 5.22 12.29 3.57
N LEU A 228 5.08 11.62 4.71
CA LEU A 228 5.06 12.24 6.02
C LEU A 228 6.13 11.62 6.89
N GLN A 229 6.62 12.37 7.88
CA GLN A 229 7.63 11.86 8.81
C GLN A 229 7.46 12.53 10.18
N ASP A 230 7.57 11.75 11.27
CA ASP A 230 7.35 12.35 12.58
C ASP A 230 8.67 12.73 13.23
N GLU A 231 8.59 13.29 14.43
CA GLU A 231 9.77 13.84 15.08
C GLU A 231 10.76 12.76 15.49
N ASN A 232 10.40 11.49 15.39
CA ASN A 232 11.34 10.40 15.67
C ASN A 232 11.89 9.76 14.40
N GLY A 233 11.54 10.27 13.23
CA GLY A 233 12.04 9.72 12.00
C GLY A 233 11.24 8.58 11.43
N LEU A 234 10.09 8.23 12.02
CA LEU A 234 9.24 7.21 11.43
C LEU A 234 8.61 7.75 10.15
N GLY A 235 8.72 6.98 9.06
CA GLY A 235 8.23 7.42 7.76
C GLY A 235 6.83 6.91 7.44
N PHE A 236 6.08 7.71 6.67
CA PHE A 236 4.74 7.36 6.22
C PHE A 236 4.66 7.57 4.71
N VAL A 237 4.71 6.48 3.95
CA VAL A 237 4.63 6.50 2.49
CA VAL A 237 4.61 6.56 2.50
C VAL A 237 3.18 6.21 2.10
N LEU A 238 2.51 7.18 1.50
CA LEU A 238 1.12 7.05 1.08
C LEU A 238 1.13 7.08 -0.43
N SER A 239 0.73 5.96 -1.04
CA SER A 239 0.74 5.75 -2.49
C SER A 239 -0.61 5.15 -2.86
N GLY A 240 -1.54 6.02 -3.23
CA GLY A 240 -2.93 5.63 -3.43
C GLY A 240 -3.48 6.18 -4.73
N ALA A 241 -2.59 6.36 -5.71
CA ALA A 241 -2.87 7.14 -6.91
C ALA A 241 -2.81 6.30 -8.19
N GLY A 242 -3.13 4.99 -8.09
CA GLY A 242 -3.08 4.14 -9.27
C GLY A 242 -4.26 4.29 -10.22
N ASN A 243 -5.35 4.87 -9.77
CA ASN A 243 -6.60 4.92 -10.54
C ASN A 243 -7.29 6.27 -10.47
N PHE A 244 -7.07 7.05 -9.40
CA PHE A 244 -7.81 8.26 -9.07
C PHE A 244 -6.82 9.30 -8.55
N MET A 245 -7.16 10.58 -8.70
CA MET A 245 -6.39 11.69 -8.13
C MET A 245 -7.35 12.69 -7.49
N ASP A 246 -7.36 12.72 -6.17
CA ASP A 246 -8.18 13.63 -5.38
C ASP A 246 -7.28 14.73 -4.82
N PRO A 247 -7.47 15.99 -5.23
CA PRO A 247 -6.64 17.09 -4.73
C PRO A 247 -6.99 17.57 -3.33
N SER A 248 -7.91 16.89 -2.64
CA SER A 248 -8.38 17.33 -1.34
C SER A 248 -7.24 17.48 -0.33
N LYS A 249 -7.28 18.58 0.43
CA LYS A 249 -6.47 18.75 1.64
C LYS A 249 -7.37 18.99 2.86
N LYS A 250 -8.56 18.41 2.84
CA LYS A 250 -9.54 18.58 3.92
C LYS A 250 -8.95 18.34 5.31
N HIS A 251 -8.04 17.38 5.45
CA HIS A 251 -7.55 16.99 6.78
C HIS A 251 -6.16 17.51 7.08
N LEU A 252 -5.75 18.61 6.43
CA LEU A 252 -4.41 19.14 6.63
C LEU A 252 -4.15 19.43 8.11
N ARG A 253 -5.11 20.08 8.77
CA ARG A 253 -4.96 20.51 10.17
C ARG A 253 -5.17 19.37 11.16
N LYS A 254 -5.51 18.17 10.69
CA LYS A 254 -5.62 16.99 11.53
C LYS A 254 -4.31 16.20 11.62
N VAL A 255 -3.26 16.61 10.90
CA VAL A 255 -1.96 15.98 10.98
C VAL A 255 -1.09 16.91 11.82
N PRO A 256 -0.28 16.42 12.77
CA PRO A 256 0.58 17.33 13.55
C PRO A 256 1.50 18.17 12.66
N ASN A 257 1.72 19.42 13.08
CA ASN A 257 2.49 20.36 12.29
CA ASN A 257 2.52 20.39 12.32
C ASN A 257 3.87 19.82 11.96
N GLY A 258 4.28 20.03 10.71
CA GLY A 258 5.60 19.62 10.24
C GLY A 258 5.71 18.18 9.79
N TYR A 259 4.69 17.35 10.05
CA TYR A 259 4.76 15.95 9.61
C TYR A 259 4.73 15.85 8.09
N LEU A 260 3.93 16.69 7.43
CA LEU A 260 3.81 16.61 5.98
C LEU A 260 5.09 17.11 5.34
N ARG A 261 5.78 16.22 4.60
CA ARG A 261 7.00 16.55 3.89
C ARG A 261 6.82 16.62 2.38
N PHE A 262 5.77 16.01 1.83
CA PHE A 262 5.53 16.05 0.39
C PHE A 262 4.07 15.67 0.14
N HIS A 263 3.44 16.34 -0.82
CA HIS A 263 2.10 15.94 -1.26
C HIS A 263 1.97 16.27 -2.74
N PHE A 264 1.37 15.35 -3.50
CA PHE A 264 1.00 15.60 -4.89
C PHE A 264 -0.40 15.06 -5.13
N GLY A 265 -1.33 15.94 -5.50
CA GLY A 265 -2.72 15.55 -5.68
C GLY A 265 -3.42 16.18 -6.87
N ALA A 266 -2.66 16.81 -7.77
CA ALA A 266 -3.23 17.58 -8.87
C ALA A 266 -4.31 16.79 -9.60
N GLU A 267 -5.49 17.41 -9.72
CA GLU A 267 -6.64 16.73 -10.29
CA GLU A 267 -6.63 16.71 -10.29
C GLU A 267 -6.41 16.34 -11.75
N ASN A 268 -5.60 17.11 -12.47
CA ASN A 268 -5.34 16.86 -13.88
CA ASN A 268 -5.36 16.85 -13.88
C ASN A 268 -4.22 15.86 -14.11
N SER A 269 -3.55 15.41 -13.05
CA SER A 269 -2.52 14.41 -13.18
C SER A 269 -3.13 13.03 -13.39
N LEU A 270 -2.37 12.18 -14.08
CA LEU A 270 -2.77 10.79 -14.26
C LEU A 270 -2.45 9.90 -13.05
N GLY A 271 -1.88 10.43 -11.98
CA GLY A 271 -1.56 9.62 -10.81
C GLY A 271 -0.08 9.25 -10.74
N GLY A 272 0.20 8.13 -10.08
CA GLY A 272 1.58 7.74 -9.86
C GLY A 272 1.70 6.69 -8.77
N PHE A 273 2.95 6.46 -8.35
CA PHE A 273 3.27 5.35 -7.44
C PHE A 273 4.60 5.66 -6.75
N ALA A 274 5.01 4.76 -5.86
CA ALA A 274 6.24 4.91 -5.10
C ALA A 274 7.24 3.80 -5.46
N TYR A 275 8.51 4.17 -5.53
CA TYR A 275 9.58 3.25 -5.87
C TYR A 275 10.56 3.21 -4.69
N VAL A 276 10.68 2.04 -4.06
CA VAL A 276 11.45 1.87 -2.83
C VAL A 276 12.73 1.10 -3.15
N GLU A 277 13.86 1.60 -2.66
CA GLU A 277 15.16 0.95 -2.80
C GLU A 277 15.78 0.81 -1.41
N ILE A 278 16.11 -0.41 -1.01
CA ILE A 278 16.69 -0.68 0.30
C ILE A 278 18.07 -1.30 0.12
N THR A 279 19.10 -0.62 0.63
CA THR A 279 20.48 -1.08 0.65
C THR A 279 20.95 -1.27 2.10
N PRO A 280 22.14 -1.86 2.30
CA PRO A 280 22.62 -2.03 3.68
C PRO A 280 22.81 -0.71 4.41
N LYS A 281 22.78 0.41 3.70
CA LYS A 281 22.96 1.71 4.30
C LYS A 281 21.67 2.51 4.49
N GLU A 282 20.70 2.43 3.58
CA GLU A 282 19.50 3.26 3.74
C GLU A 282 18.34 2.67 2.95
N MET A 283 17.13 3.10 3.32
CA MET A 283 15.93 2.93 2.51
C MET A 283 15.65 4.25 1.80
N SER A 284 15.52 4.20 0.48
CA SER A 284 15.14 5.35 -0.33
C SER A 284 13.74 5.15 -0.88
N VAL A 285 12.99 6.24 -0.95
CA VAL A 285 11.67 6.25 -1.56
C VAL A 285 11.65 7.36 -2.59
N THR A 286 11.20 7.00 -3.80
CA THR A 286 11.05 7.95 -4.89
C THR A 286 9.60 7.91 -5.35
N TYR A 287 8.96 9.06 -5.41
CA TYR A 287 7.60 9.16 -5.92
C TYR A 287 7.65 9.49 -7.41
N ILE A 288 6.96 8.70 -8.21
CA ILE A 288 7.02 8.78 -9.67
C ILE A 288 5.60 8.99 -10.19
N GLU A 289 5.40 10.09 -10.92
CA GLU A 289 4.11 10.36 -11.57
C GLU A 289 3.90 9.44 -12.77
N ALA A 290 2.64 9.13 -13.07
CA ALA A 290 2.33 8.27 -14.22
C ALA A 290 2.93 8.80 -15.52
N SER A 291 3.26 10.09 -15.56
CA SER A 291 3.94 10.71 -16.69
C SER A 291 5.40 10.30 -16.80
N GLY A 292 5.96 9.66 -15.78
CA GLY A 292 7.33 9.21 -15.76
C GLY A 292 8.27 10.04 -14.92
N LYS A 293 7.85 11.23 -14.52
CA LYS A 293 8.74 12.17 -13.85
C LYS A 293 8.85 11.86 -12.35
N SER A 294 10.04 12.07 -11.79
CA SER A 294 10.22 11.93 -10.36
C SER A 294 9.75 13.21 -9.66
N LEU A 295 8.89 13.06 -8.68
CA LEU A 295 8.33 14.20 -7.99
C LEU A 295 9.03 14.52 -6.67
N PHE A 296 9.61 13.51 -6.02
CA PHE A 296 10.09 13.67 -4.66
C PHE A 296 10.92 12.45 -4.31
N LYS A 297 11.97 12.66 -3.53
CA LYS A 297 12.82 11.55 -3.13
C LYS A 297 13.34 11.81 -1.72
N THR A 298 13.38 10.75 -0.92
CA THR A 298 13.78 10.90 0.45
C THR A 298 14.41 9.59 0.88
N LYS A 299 15.29 9.68 1.86
CA LYS A 299 15.97 8.51 2.40
CA LYS A 299 15.97 8.51 2.40
C LYS A 299 15.65 8.38 3.88
N LEU A 300 15.58 7.14 4.34
CA LEU A 300 15.36 6.78 5.75
C LEU A 300 16.56 5.93 6.17
N PRO A 301 17.30 6.31 7.20
CA PRO A 301 18.54 5.61 7.53
C PRO A 301 18.27 4.29 8.21
N ARG A 302 19.20 3.35 7.99
CA ARG A 302 19.16 2.10 8.74
C ARG A 302 19.42 2.35 10.21
N ARG A 303 18.71 1.60 11.06
CA ARG A 303 18.99 1.59 12.49
C ARG A 303 19.75 0.31 12.87
N ALA A 304 20.77 0.46 13.70
CA ALA A 304 21.53 -0.69 14.20
C ALA A 304 20.90 -1.25 15.48
#